data_6AK4
#
_entry.id   6AK4
#
_cell.length_a   141.770
_cell.length_b   141.770
_cell.length_c   83.751
_cell.angle_alpha   90.00
_cell.angle_beta   90.00
_cell.angle_gamma   120.00
#
_symmetry.space_group_name_H-M   'H 3'
#
loop_
_entity.id
_entity.type
_entity.pdbx_description
1 polymer 'Alpha-ketoglutarate-dependent dioxygenase FTO,Alpha-ketoglutarate-dependent dioxygenase FTO'
2 non-polymer 'ZINC ION'
3 non-polymer (~{E})-2-cyano-~{N},~{N}-diethyl-3-[3-nitro-4,5-bis(oxidanyl)phenyl]prop-2-enamide
#
_entity_poly.entity_id   1
_entity_poly.type   'polypeptide(L)'
_entity_poly.pdbx_seq_one_letter_code
;MGSSHHHHHHSSGLVPRGSHMTPKDDEFYQQWQLKYPKLILREASSVSEELHKEVQEAFLTLHKHGCLFRDLVRIQGKDL
LTPVSRILIGNPGCTYKYLNTRLFTVPWPVKGSNIKHTEAEIAAACETFLKLNDYLQIETIQALEELAASNGQDEVDIKS
RAAYNVTLLNFMDPQKMPYLKEEPYFGMGKMAVSWHHDENLVDRSAVAVYSYSCEGPEEESEDDSHLEGRDPDIWHVGFK
ISWDIETPGLAIPLHQGDCYFMLDDLNATHQHCVLAGSQPRFSSTHRVAECSTGTLDYILQRCQLALQNVCDDVDNDDVS
LKSFEPAVLKQGEEIHNEVEFEWLRQFWFQGNRYRKCTDWWCQPMAQLEALWKKMEGVTNAVLHEVKREGLPVEQRNEIL
TAILASLTARQNLRREWHARCQSRIARTLPADQKPECRPYWEKDDASMPLPFDLTDIVSELRGQLLEAKP
;
_entity_poly.pdbx_strand_id   A
#
# COMPACT_ATOMS: atom_id res chain seq x y z
N ARG A 17 -29.13 -11.22 -20.61
CA ARG A 17 -28.07 -11.49 -19.60
C ARG A 17 -26.67 -11.29 -20.17
N GLY A 18 -25.75 -10.79 -19.34
CA GLY A 18 -24.35 -10.61 -19.72
C GLY A 18 -23.61 -11.94 -19.77
N SER A 19 -22.54 -11.99 -20.57
CA SER A 19 -21.83 -13.24 -20.88
C SER A 19 -20.30 -13.05 -20.97
N HIS A 20 -19.58 -14.16 -21.07
CA HIS A 20 -18.11 -14.13 -21.20
C HIS A 20 -17.59 -15.14 -22.22
N MET A 21 -16.29 -15.07 -22.49
CA MET A 21 -15.61 -15.98 -23.42
C MET A 21 -14.36 -16.57 -22.77
N THR A 22 -14.08 -17.83 -23.08
CA THR A 22 -12.86 -18.53 -22.63
C THR A 22 -12.17 -19.08 -23.88
N PRO A 23 -10.94 -19.63 -23.74
CA PRO A 23 -10.25 -20.27 -24.88
C PRO A 23 -11.10 -21.28 -25.69
N LYS A 24 -12.04 -21.96 -25.04
CA LYS A 24 -12.97 -22.89 -25.69
C LYS A 24 -13.86 -22.25 -26.78
N ASP A 25 -14.16 -20.95 -26.67
CA ASP A 25 -14.99 -20.26 -27.65
C ASP A 25 -14.19 -19.92 -28.92
N ASP A 26 -14.90 -19.81 -30.04
CA ASP A 26 -14.29 -19.47 -31.34
C ASP A 26 -14.08 -17.95 -31.48
N GLU A 27 -15.05 -17.17 -31.01
CA GLU A 27 -14.95 -15.70 -30.99
C GLU A 27 -13.90 -15.15 -30.00
N PHE A 28 -13.49 -15.97 -29.04
CA PHE A 28 -12.50 -15.59 -28.02
C PHE A 28 -11.23 -14.94 -28.56
N TYR A 29 -10.65 -15.51 -29.62
CA TYR A 29 -9.34 -15.06 -30.12
C TYR A 29 -9.41 -13.81 -30.97
N GLN A 30 -10.49 -13.64 -31.73
CA GLN A 30 -10.72 -12.37 -32.45
C GLN A 30 -11.03 -11.23 -31.47
N GLN A 31 -11.63 -11.55 -30.32
CA GLN A 31 -11.89 -10.55 -29.28
C GLN A 31 -10.61 -10.14 -28.54
N TRP A 32 -9.71 -11.09 -28.30
CA TRP A 32 -8.38 -10.80 -27.74
C TRP A 32 -7.63 -9.81 -28.64
N GLN A 33 -7.61 -10.06 -29.94
CA GLN A 33 -6.91 -9.20 -30.89
C GLN A 33 -7.53 -7.80 -31.00
N LEU A 34 -8.85 -7.75 -31.02
CA LEU A 34 -9.58 -6.53 -31.39
C LEU A 34 -9.70 -5.59 -30.20
N LYS A 35 -10.12 -6.12 -29.05
CA LYS A 35 -10.45 -5.30 -27.89
C LYS A 35 -9.58 -5.48 -26.63
N TYR A 36 -8.63 -6.42 -26.65
CA TYR A 36 -7.67 -6.62 -25.56
C TYR A 36 -6.24 -6.91 -26.08
N PRO A 37 -5.80 -6.18 -27.13
CA PRO A 37 -4.46 -6.44 -27.69
C PRO A 37 -3.29 -6.19 -26.72
N LYS A 38 -3.51 -5.32 -25.72
CA LYS A 38 -2.49 -5.00 -24.71
C LYS A 38 -2.40 -6.01 -23.55
N LEU A 39 -3.20 -7.07 -23.61
CA LEU A 39 -3.06 -8.24 -22.72
C LEU A 39 -2.22 -9.31 -23.43
N ILE A 40 -1.19 -9.82 -22.74
CA ILE A 40 -0.30 -10.84 -23.29
C ILE A 40 -0.19 -12.02 -22.32
N LEU A 41 -0.25 -13.23 -22.86
CA LEU A 41 -0.16 -14.47 -22.07
C LEU A 41 1.04 -15.27 -22.56
N ARG A 42 1.94 -15.60 -21.64
CA ARG A 42 3.01 -16.56 -21.87
C ARG A 42 2.68 -17.80 -21.06
N GLU A 43 2.64 -18.96 -21.74
CA GLU A 43 2.30 -20.23 -21.09
C GLU A 43 3.42 -20.68 -20.14
N ALA A 44 3.10 -21.67 -19.30
CA ALA A 44 4.06 -22.25 -18.36
C ALA A 44 5.31 -22.81 -19.05
N SER A 45 5.10 -23.46 -20.21
CA SER A 45 6.17 -24.11 -20.97
C SER A 45 7.15 -23.15 -21.67
N SER A 46 6.94 -21.84 -21.59
CA SER A 46 7.93 -20.84 -22.04
C SER A 46 8.93 -20.45 -20.95
N VAL A 47 8.56 -20.62 -19.68
CA VAL A 47 9.43 -20.30 -18.54
C VAL A 47 10.17 -21.58 -18.08
N SER A 48 11.43 -21.42 -17.70
CA SER A 48 12.31 -22.55 -17.40
C SER A 48 11.96 -23.25 -16.07
N GLU A 49 12.10 -24.59 -16.07
CA GLU A 49 11.84 -25.41 -14.88
C GLU A 49 12.81 -25.15 -13.73
N GLU A 50 14.00 -24.63 -14.05
CA GLU A 50 14.95 -24.14 -13.05
C GLU A 50 14.32 -23.03 -12.22
N LEU A 51 13.77 -22.03 -12.90
CA LEU A 51 13.11 -20.89 -12.26
C LEU A 51 11.76 -21.26 -11.62
N HIS A 52 10.99 -22.15 -12.27
CA HIS A 52 9.71 -22.63 -11.73
C HIS A 52 9.85 -23.22 -10.34
N LYS A 53 10.80 -24.15 -10.19
CA LYS A 53 11.04 -24.83 -8.92
C LYS A 53 11.53 -23.87 -7.83
N GLU A 54 12.46 -22.98 -8.20
CA GLU A 54 13.02 -22.00 -7.27
C GLU A 54 11.94 -21.04 -6.72
N VAL A 55 11.08 -20.57 -7.62
CA VAL A 55 9.93 -19.73 -7.26
C VAL A 55 8.92 -20.49 -6.40
N GLN A 56 8.62 -21.73 -6.78
CA GLN A 56 7.69 -22.58 -6.02
C GLN A 56 8.21 -22.99 -4.64
N GLU A 57 9.54 -23.05 -4.50
CA GLU A 57 10.17 -23.23 -3.19
C GLU A 57 10.03 -21.96 -2.34
N ALA A 58 10.24 -20.80 -2.96
CA ALA A 58 10.13 -19.50 -2.27
C ALA A 58 8.70 -19.21 -1.78
N PHE A 59 7.68 -19.61 -2.54
CA PHE A 59 6.28 -19.53 -2.09
C PHE A 59 6.11 -20.24 -0.74
N LEU A 60 6.55 -21.49 -0.69
CA LEU A 60 6.36 -22.36 0.47
C LEU A 60 7.21 -21.92 1.66
N THR A 61 8.44 -21.49 1.40
CA THR A 61 9.32 -20.92 2.42
C THR A 61 8.64 -19.77 3.16
N LEU A 62 8.07 -18.83 2.42
CA LEU A 62 7.35 -17.69 3.00
C LEU A 62 6.02 -18.09 3.66
N HIS A 63 5.34 -19.10 3.11
CA HIS A 63 4.07 -19.59 3.66
C HIS A 63 4.22 -20.34 4.99
N LYS A 64 5.25 -21.18 5.09
CA LYS A 64 5.53 -21.93 6.32
C LYS A 64 5.91 -21.00 7.48
N HIS A 65 6.77 -20.03 7.20
CA HIS A 65 7.19 -19.02 8.20
C HIS A 65 6.09 -18.01 8.57
N GLY A 66 4.98 -18.00 7.82
CA GLY A 66 3.84 -17.15 8.14
C GLY A 66 4.07 -15.68 7.80
N CYS A 67 4.66 -15.44 6.62
CA CYS A 67 4.93 -14.06 6.16
C CYS A 67 3.71 -13.39 5.53
N LEU A 68 2.82 -14.17 4.93
CA LEU A 68 1.61 -13.63 4.30
C LEU A 68 0.51 -13.39 5.34
N PHE A 69 -0.17 -12.25 5.21
CA PHE A 69 -1.27 -11.86 6.11
C PHE A 69 -2.43 -11.30 5.32
N ARG A 70 -3.64 -11.47 5.85
CA ARG A 70 -4.84 -10.87 5.27
C ARG A 70 -4.87 -9.40 5.70
N ASP A 71 -5.00 -8.49 4.73
CA ASP A 71 -4.98 -7.06 5.02
C ASP A 71 -6.36 -6.57 5.47
N LEU A 72 -6.35 -5.66 6.44
CA LEU A 72 -7.56 -5.06 6.98
C LEU A 72 -7.79 -3.69 6.33
N VAL A 73 -8.18 -3.73 5.06
CA VAL A 73 -8.31 -2.52 4.24
C VAL A 73 -9.62 -1.79 4.52
N ARG A 74 -9.63 -0.49 4.21
CA ARG A 74 -10.84 0.32 4.28
C ARG A 74 -11.32 0.58 2.85
N ILE A 75 -12.61 0.36 2.61
CA ILE A 75 -13.18 0.47 1.26
C ILE A 75 -14.63 0.97 1.33
N GLN A 76 -14.88 2.10 0.69
CA GLN A 76 -16.14 2.84 0.75
C GLN A 76 -16.75 2.90 2.15
N GLY A 77 -15.93 3.30 3.12
CA GLY A 77 -16.34 3.42 4.52
C GLY A 77 -16.18 2.16 5.37
N LYS A 78 -16.36 0.99 4.76
CA LYS A 78 -16.44 -0.28 5.49
C LYS A 78 -15.05 -0.80 5.77
N ASP A 79 -14.90 -1.51 6.89
CA ASP A 79 -13.65 -2.21 7.24
C ASP A 79 -13.77 -3.68 6.85
N LEU A 80 -12.87 -4.13 5.96
CA LEU A 80 -12.93 -5.47 5.37
C LEU A 80 -11.59 -6.19 5.45
N LEU A 81 -11.63 -7.49 5.70
CA LEU A 81 -10.46 -8.37 5.52
C LEU A 81 -10.48 -8.94 4.11
N THR A 82 -9.33 -8.87 3.43
CA THR A 82 -9.22 -9.44 2.09
C THR A 82 -9.31 -10.97 2.15
N PRO A 83 -9.99 -11.61 1.17
CA PRO A 83 -9.93 -13.06 1.06
C PRO A 83 -8.51 -13.59 0.92
N VAL A 84 -7.74 -13.04 -0.02
CA VAL A 84 -6.35 -13.43 -0.21
C VAL A 84 -5.47 -12.81 0.86
N SER A 85 -4.56 -13.62 1.42
CA SER A 85 -3.49 -13.11 2.28
C SER A 85 -2.31 -12.80 1.37
N ARG A 86 -1.43 -11.92 1.82
CA ARG A 86 -0.35 -11.43 0.97
C ARG A 86 0.84 -10.82 1.73
N ILE A 87 1.95 -10.70 1.00
CA ILE A 87 3.17 -10.04 1.47
C ILE A 87 3.64 -9.12 0.33
N LEU A 88 4.28 -8.00 0.68
CA LEU A 88 4.93 -7.13 -0.30
C LEU A 88 6.42 -7.28 -0.20
N ILE A 89 7.04 -7.69 -1.31
CA ILE A 89 8.48 -7.79 -1.44
C ILE A 89 8.90 -6.79 -2.51
N GLY A 90 10.02 -6.11 -2.29
CA GLY A 90 10.49 -5.13 -3.27
C GLY A 90 11.75 -4.42 -2.83
N ASN A 91 12.04 -3.29 -3.47
CA ASN A 91 13.22 -2.50 -3.14
C ASN A 91 13.20 -2.10 -1.67
N PRO A 92 14.37 -2.06 -1.01
CA PRO A 92 14.39 -1.62 0.40
C PRO A 92 13.99 -0.16 0.53
N GLY A 93 13.15 0.14 1.51
CA GLY A 93 12.64 1.50 1.73
C GLY A 93 11.35 1.87 1.01
N CYS A 94 10.99 1.13 -0.04
CA CYS A 94 9.81 1.42 -0.86
C CYS A 94 8.53 0.94 -0.17
N THR A 95 7.43 1.66 -0.38
CA THR A 95 6.10 1.25 0.07
C THR A 95 5.09 1.29 -1.08
N TYR A 96 3.99 0.57 -0.91
CA TYR A 96 2.88 0.55 -1.87
C TYR A 96 1.56 0.68 -1.12
N LYS A 97 0.86 1.80 -1.35
CA LYS A 97 -0.43 2.05 -0.73
C LYS A 97 -1.54 1.65 -1.67
N TYR A 98 -2.48 0.85 -1.17
CA TYR A 98 -3.69 0.50 -1.90
C TYR A 98 -4.85 0.35 -0.90
N LEU A 99 -6.05 0.76 -1.30
CA LEU A 99 -7.24 0.74 -0.45
C LEU A 99 -7.00 1.33 0.94
N ASN A 100 -6.37 2.50 0.95
CA ASN A 100 -6.07 3.25 2.17
C ASN A 100 -5.17 2.51 3.18
N THR A 101 -4.32 1.61 2.67
CA THR A 101 -3.47 0.74 3.49
C THR A 101 -2.06 0.68 2.90
N ARG A 102 -1.06 1.18 3.62
CA ARG A 102 0.32 1.22 3.12
C ARG A 102 1.03 -0.09 3.47
N LEU A 103 1.46 -0.80 2.45
CA LEU A 103 2.27 -2.01 2.62
C LEU A 103 3.75 -1.65 2.55
N PHE A 104 4.53 -2.29 3.41
CA PHE A 104 5.95 -2.01 3.57
C PHE A 104 6.75 -3.19 3.05
N THR A 105 7.77 -2.90 2.25
CA THR A 105 8.52 -3.94 1.55
C THR A 105 9.44 -4.71 2.47
N VAL A 106 9.26 -6.04 2.54
CA VAL A 106 10.32 -6.90 3.04
C VAL A 106 11.38 -6.89 1.92
N PRO A 107 12.61 -6.42 2.21
CA PRO A 107 13.51 -6.02 1.12
C PRO A 107 14.08 -7.17 0.29
N TRP A 108 14.55 -6.86 -0.92
CA TRP A 108 15.31 -7.81 -1.74
C TRP A 108 16.73 -7.28 -2.05
N PRO A 109 17.71 -8.17 -2.32
CA PRO A 109 19.09 -7.70 -2.55
C PRO A 109 19.32 -6.99 -3.90
N VAL A 110 18.87 -5.74 -3.98
CA VAL A 110 19.10 -4.90 -5.16
C VAL A 110 20.50 -4.28 -5.08
N LYS A 111 21.07 -3.98 -6.25
CA LYS A 111 22.44 -3.43 -6.40
C LYS A 111 23.00 -2.66 -5.18
N GLY A 112 24.07 -3.20 -4.59
CA GLY A 112 24.75 -2.58 -3.45
C GLY A 112 24.24 -3.09 -2.11
N ALA A 120 18.05 -15.69 6.80
CA ALA A 120 18.88 -16.64 6.06
C ALA A 120 18.07 -17.30 4.94
N GLU A 121 16.99 -17.99 5.33
CA GLU A 121 16.08 -18.64 4.38
C GLU A 121 15.08 -17.66 3.75
N ILE A 122 14.62 -16.68 4.54
CA ILE A 122 13.69 -15.66 4.08
C ILE A 122 14.35 -14.70 3.08
N ALA A 123 15.61 -14.34 3.35
CA ALA A 123 16.41 -13.50 2.43
C ALA A 123 16.73 -14.21 1.11
N ALA A 124 16.84 -15.54 1.16
CA ALA A 124 17.04 -16.36 -0.04
C ALA A 124 15.79 -16.39 -0.92
N ALA A 125 14.63 -16.53 -0.29
CA ALA A 125 13.33 -16.49 -0.98
C ALA A 125 13.09 -15.13 -1.66
N CYS A 126 13.44 -14.05 -0.96
CA CYS A 126 13.34 -12.69 -1.52
C CYS A 126 14.30 -12.46 -2.69
N GLU A 127 15.47 -13.10 -2.68
CA GLU A 127 16.42 -13.01 -3.80
C GLU A 127 15.90 -13.73 -5.04
N THR A 128 15.22 -14.86 -4.85
CA THR A 128 14.56 -15.60 -5.93
C THR A 128 13.52 -14.75 -6.66
N PHE A 129 12.68 -14.06 -5.90
CA PHE A 129 11.66 -13.19 -6.47
C PHE A 129 12.23 -11.97 -7.18
N LEU A 130 13.42 -11.52 -6.76
CA LEU A 130 14.18 -10.54 -7.54
C LEU A 130 14.66 -11.14 -8.86
N LYS A 131 15.08 -12.41 -8.84
CA LYS A 131 15.47 -13.10 -10.08
C LYS A 131 14.29 -13.22 -11.03
N LEU A 132 13.14 -13.66 -10.52
CA LEU A 132 11.89 -13.71 -11.28
C LEU A 132 11.52 -12.33 -11.84
N ASN A 133 11.69 -11.29 -11.01
CA ASN A 133 11.39 -9.90 -11.39
C ASN A 133 12.21 -9.42 -12.59
N ASP A 134 13.49 -9.76 -12.59
CA ASP A 134 14.39 -9.43 -13.72
C ASP A 134 14.02 -10.20 -14.99
N TYR A 135 13.57 -11.44 -14.84
CA TYR A 135 13.09 -12.24 -15.97
C TYR A 135 11.82 -11.65 -16.60
N LEU A 136 10.87 -11.24 -15.76
CA LEU A 136 9.62 -10.62 -16.21
C LEU A 136 9.82 -9.22 -16.80
N GLN A 137 10.83 -8.51 -16.30
CA GLN A 137 11.24 -7.22 -16.87
C GLN A 137 11.73 -7.35 -18.32
N ILE A 138 12.51 -8.39 -18.60
CA ILE A 138 13.01 -8.68 -19.96
C ILE A 138 11.87 -9.00 -20.92
N GLU A 139 11.01 -9.93 -20.53
CA GLU A 139 9.81 -10.30 -21.31
C GLU A 139 8.85 -9.13 -21.56
N THR A 140 8.81 -8.15 -20.64
CA THR A 140 7.95 -6.98 -20.77
C THR A 140 8.53 -5.93 -21.72
N ILE A 141 9.84 -5.66 -21.62
CA ILE A 141 10.53 -4.77 -22.56
C ILE A 141 10.43 -5.32 -23.98
N GLN A 142 10.60 -6.63 -24.13
CA GLN A 142 10.41 -7.33 -25.40
C GLN A 142 9.02 -7.05 -25.96
N ALA A 143 8.01 -7.35 -25.16
CA ALA A 143 6.61 -7.19 -25.56
C ALA A 143 6.25 -5.73 -25.83
N LEU A 144 6.78 -4.81 -25.03
CA LEU A 144 6.53 -3.37 -25.20
C LEU A 144 7.19 -2.78 -26.47
N GLU A 145 8.35 -3.31 -26.83
CA GLU A 145 8.99 -2.96 -28.11
C GLU A 145 8.14 -3.44 -29.28
N GLU A 146 7.73 -4.71 -29.23
CA GLU A 146 6.83 -5.31 -30.23
C GLU A 146 5.49 -4.59 -30.37
N LEU A 147 4.98 -4.03 -29.27
CA LEU A 147 3.73 -3.25 -29.29
C LEU A 147 3.83 -1.98 -30.14
N ALA A 148 4.96 -1.28 -30.05
CA ALA A 148 5.21 -0.06 -30.83
C ALA A 148 5.36 -0.36 -32.34
N ALA A 149 6.16 -1.38 -32.67
CA ALA A 149 6.34 -1.83 -34.05
C ALA A 149 5.20 -2.74 -34.49
N ASP A 157 11.00 5.88 -22.76
CA ASP A 157 10.05 5.61 -21.68
C ASP A 157 9.70 4.12 -21.50
N ILE A 158 10.17 3.25 -22.39
CA ILE A 158 9.89 1.80 -22.28
C ILE A 158 10.57 1.18 -21.05
N LYS A 159 11.85 1.46 -20.85
CA LYS A 159 12.63 0.84 -19.76
C LYS A 159 12.15 1.24 -18.36
N SER A 160 11.63 2.47 -18.24
CA SER A 160 11.07 2.96 -16.97
C SER A 160 9.74 2.31 -16.61
N ARG A 161 8.91 2.07 -17.63
CA ARG A 161 7.56 1.51 -17.46
C ARG A 161 7.54 -0.03 -17.40
N ALA A 162 8.71 -0.66 -17.51
CA ALA A 162 8.89 -2.07 -17.15
C ALA A 162 9.83 -2.27 -15.94
N ALA A 163 10.30 -1.16 -15.33
CA ALA A 163 11.22 -1.24 -14.19
C ALA A 163 10.46 -1.57 -12.92
N TYR A 164 10.17 -2.85 -12.75
CA TYR A 164 9.40 -3.33 -11.61
C TYR A 164 10.23 -3.16 -10.35
N ASN A 165 9.74 -2.33 -9.43
CA ASN A 165 10.41 -2.09 -8.15
C ASN A 165 9.87 -2.93 -6.99
N VAL A 166 8.67 -3.52 -7.15
CA VAL A 166 8.06 -4.39 -6.13
C VAL A 166 7.27 -5.54 -6.75
N THR A 167 6.96 -6.53 -5.91
CA THR A 167 5.95 -7.55 -6.20
C THR A 167 5.05 -7.71 -4.99
N LEU A 168 3.83 -8.15 -5.25
CA LEU A 168 2.82 -8.37 -4.23
C LEU A 168 2.37 -9.82 -4.30
N LEU A 169 3.03 -10.68 -3.52
CA LEU A 169 2.68 -12.11 -3.44
C LEU A 169 1.32 -12.30 -2.79
N ASN A 170 0.45 -13.08 -3.42
CA ASN A 170 -0.89 -13.39 -2.86
C ASN A 170 -1.07 -14.90 -2.76
N PHE A 171 -1.80 -15.33 -1.73
CA PHE A 171 -2.17 -16.74 -1.56
C PHE A 171 -3.64 -16.87 -1.13
N MET A 172 -4.31 -17.91 -1.60
CA MET A 172 -5.60 -18.32 -1.06
C MET A 172 -5.84 -19.82 -1.24
N ASP A 173 -6.48 -20.42 -0.24
CA ASP A 173 -6.89 -21.82 -0.25
C ASP A 173 -8.42 -21.82 -0.28
N PRO A 174 -9.05 -22.19 -1.42
CA PRO A 174 -10.53 -22.10 -1.49
C PRO A 174 -11.30 -22.99 -0.51
N GLN A 175 -10.69 -24.10 -0.08
CA GLN A 175 -11.26 -24.97 0.94
C GLN A 175 -11.27 -24.26 2.30
N LYS A 176 -10.09 -23.81 2.73
CA LYS A 176 -9.93 -23.12 4.01
C LYS A 176 -10.45 -21.66 4.04
N MET A 177 -10.84 -21.12 2.88
CA MET A 177 -11.39 -19.75 2.75
C MET A 177 -12.57 -19.77 1.75
N PRO A 178 -13.70 -20.42 2.13
CA PRO A 178 -14.82 -20.63 1.21
C PRO A 178 -15.95 -19.58 1.34
N TYR A 179 -15.58 -18.31 1.46
CA TYR A 179 -16.55 -17.21 1.63
C TYR A 179 -16.29 -16.19 0.52
N LEU A 180 -16.69 -16.57 -0.70
CA LEU A 180 -16.34 -15.85 -1.92
C LEU A 180 -17.57 -15.33 -2.63
N LYS A 181 -17.52 -14.07 -3.03
CA LYS A 181 -18.63 -13.40 -3.72
C LYS A 181 -18.77 -13.96 -5.14
N GLU A 182 -19.98 -13.94 -5.66
CA GLU A 182 -20.27 -14.38 -7.02
C GLU A 182 -20.09 -13.20 -7.98
N GLU A 183 -19.51 -13.45 -9.15
CA GLU A 183 -19.21 -12.39 -10.11
C GLU A 183 -20.52 -11.83 -10.72
N PRO A 184 -20.76 -10.50 -10.58
CA PRO A 184 -22.10 -9.97 -10.83
C PRO A 184 -22.57 -9.90 -12.29
N TYR A 185 -21.67 -9.54 -13.21
CA TYR A 185 -22.07 -9.01 -14.52
C TYR A 185 -22.11 -10.03 -15.66
N PHE A 186 -21.22 -11.01 -15.64
CA PHE A 186 -21.05 -11.95 -16.77
C PHE A 186 -21.32 -13.43 -16.44
N GLY A 187 -21.53 -13.77 -15.18
CA GLY A 187 -21.70 -15.16 -14.77
C GLY A 187 -20.39 -15.91 -14.88
N MET A 188 -19.38 -15.41 -14.16
CA MET A 188 -18.07 -16.04 -14.08
C MET A 188 -17.91 -16.90 -12.82
N GLY A 189 -18.70 -16.64 -11.78
CA GLY A 189 -18.64 -17.43 -10.55
C GLY A 189 -17.69 -16.83 -9.54
N LYS A 190 -17.30 -17.65 -8.56
CA LYS A 190 -16.66 -17.15 -7.34
C LYS A 190 -15.41 -16.30 -7.61
N MET A 191 -15.30 -15.17 -6.90
CA MET A 191 -14.18 -14.22 -7.04
C MET A 191 -13.29 -14.19 -5.80
N ALA A 192 -12.02 -14.59 -5.96
CA ALA A 192 -11.02 -14.40 -4.93
C ALA A 192 -10.71 -12.90 -4.71
N VAL A 193 -10.75 -12.15 -5.81
CA VAL A 193 -10.63 -10.69 -5.80
C VAL A 193 -11.59 -10.13 -6.86
N SER A 194 -12.44 -9.17 -6.49
CA SER A 194 -13.44 -8.64 -7.42
C SER A 194 -12.87 -7.57 -8.37
N TRP A 195 -13.69 -7.16 -9.34
CA TRP A 195 -13.30 -6.21 -10.39
C TRP A 195 -12.67 -4.92 -9.85
N HIS A 196 -11.56 -4.51 -10.45
CA HIS A 196 -10.82 -3.31 -10.03
C HIS A 196 -9.63 -2.97 -10.94
N HIS A 197 -9.09 -1.77 -10.72
CA HIS A 197 -7.81 -1.35 -11.30
C HIS A 197 -6.72 -1.46 -10.23
N ASP A 198 -5.49 -1.76 -10.62
CA ASP A 198 -4.35 -1.61 -9.72
C ASP A 198 -4.01 -0.12 -9.59
N GLU A 199 -4.16 0.42 -8.38
CA GLU A 199 -3.88 1.83 -8.09
C GLU A 199 -2.39 2.08 -7.83
N ASN A 200 -2.04 3.36 -7.67
CA ASN A 200 -0.71 3.81 -7.21
C ASN A 200 0.46 3.24 -8.02
N LEU A 201 0.26 3.14 -9.33
CA LEU A 201 1.27 2.63 -10.26
C LEU A 201 1.75 3.80 -11.10
N VAL A 202 2.97 3.70 -11.62
CA VAL A 202 3.49 4.71 -12.54
C VAL A 202 2.64 4.67 -13.80
N ASP A 203 2.36 5.86 -14.33
CA ASP A 203 1.47 6.03 -15.46
C ASP A 203 1.91 5.18 -16.64
N ARG A 204 0.95 4.46 -17.22
CA ARG A 204 1.17 3.55 -18.33
C ARG A 204 2.22 2.47 -18.08
N SER A 205 2.46 2.11 -16.81
CA SER A 205 3.44 1.09 -16.48
C SER A 205 2.80 -0.28 -16.60
N ALA A 206 3.63 -1.27 -16.91
CA ALA A 206 3.15 -2.62 -17.10
C ALA A 206 3.01 -3.31 -15.77
N VAL A 207 2.22 -4.38 -15.75
CA VAL A 207 2.10 -5.28 -14.60
C VAL A 207 2.31 -6.70 -15.10
N ALA A 208 3.26 -7.42 -14.51
CA ALA A 208 3.54 -8.82 -14.86
C ALA A 208 3.14 -9.73 -13.71
N VAL A 209 2.44 -10.81 -14.01
CA VAL A 209 1.91 -11.72 -12.99
C VAL A 209 2.33 -13.16 -13.25
N TYR A 210 2.94 -13.81 -12.26
CA TYR A 210 3.24 -15.25 -12.30
C TYR A 210 2.16 -16.00 -11.50
N SER A 211 1.40 -16.86 -12.15
CA SER A 211 0.30 -17.59 -11.49
C SER A 211 0.57 -19.11 -11.38
N TYR A 212 0.41 -19.64 -10.16
CA TYR A 212 0.72 -21.04 -9.88
C TYR A 212 -0.33 -21.69 -8.97
N SER A 213 -1.08 -22.65 -9.54
CA SER A 213 -2.05 -23.47 -8.80
C SER A 213 -1.43 -24.81 -8.37
N CYS A 214 -2.24 -25.65 -7.70
CA CYS A 214 -1.86 -27.02 -7.34
C CYS A 214 -2.85 -28.02 -7.95
N GLU A 215 -2.42 -29.28 -8.07
CA GLU A 215 -3.25 -30.35 -8.61
N GLY A 229 -19.42 -22.08 -20.62
CA GLY A 229 -18.91 -21.38 -19.43
C GLY A 229 -17.50 -21.81 -19.04
N ARG A 230 -16.99 -21.19 -17.98
CA ARG A 230 -15.62 -21.46 -17.51
C ARG A 230 -15.61 -22.65 -16.55
N ASP A 231 -14.48 -23.37 -16.52
CA ASP A 231 -14.29 -24.49 -15.60
C ASP A 231 -14.24 -23.95 -14.16
N PRO A 232 -15.24 -24.30 -13.32
CA PRO A 232 -15.24 -23.77 -11.94
C PRO A 232 -14.10 -24.25 -11.03
N ASP A 233 -13.41 -25.32 -11.43
CA ASP A 233 -12.32 -25.89 -10.63
C ASP A 233 -10.95 -25.25 -10.90
N ILE A 234 -10.81 -24.54 -12.03
CA ILE A 234 -9.52 -23.93 -12.42
C ILE A 234 -9.55 -22.41 -12.20
N TRP A 235 -8.45 -21.88 -11.67
CA TRP A 235 -8.28 -20.43 -11.45
C TRP A 235 -8.19 -19.68 -12.77
N HIS A 236 -8.93 -18.59 -12.90
CA HIS A 236 -8.88 -17.71 -14.06
C HIS A 236 -8.47 -16.29 -13.66
N VAL A 237 -8.31 -15.43 -14.67
CA VAL A 237 -8.25 -13.98 -14.49
C VAL A 237 -9.30 -13.37 -15.41
N GLY A 238 -10.11 -12.46 -14.86
CA GLY A 238 -11.21 -11.85 -15.58
C GLY A 238 -10.80 -10.50 -16.13
N PHE A 239 -11.40 -10.11 -17.25
CA PHE A 239 -11.10 -8.82 -17.87
C PHE A 239 -12.35 -8.20 -18.45
N LYS A 240 -12.56 -6.92 -18.17
CA LYS A 240 -13.66 -6.17 -18.75
C LYS A 240 -13.19 -4.77 -19.12
N ILE A 241 -13.88 -4.18 -20.10
CA ILE A 241 -13.70 -2.77 -20.44
C ILE A 241 -14.39 -1.98 -19.32
N SER A 242 -13.81 -0.83 -18.96
CA SER A 242 -14.38 0.03 -17.91
C SER A 242 -15.74 0.55 -18.34
N TRP A 243 -16.66 0.66 -17.38
CA TRP A 243 -18.03 1.17 -17.61
C TRP A 243 -18.94 0.26 -18.46
N ASP A 244 -18.45 -0.92 -18.84
CA ASP A 244 -19.04 -1.70 -19.93
C ASP A 244 -19.33 -3.12 -19.47
N ILE A 245 -20.61 -3.47 -19.45
CA ILE A 245 -21.06 -4.84 -19.22
C ILE A 245 -21.81 -5.44 -20.43
N GLU A 246 -21.86 -4.70 -21.54
CA GLU A 246 -22.48 -5.17 -22.78
C GLU A 246 -21.47 -6.00 -23.56
N THR A 247 -20.30 -5.41 -23.84
CA THR A 247 -19.17 -6.13 -24.42
C THR A 247 -18.80 -7.25 -23.46
N PRO A 248 -18.83 -8.51 -23.94
CA PRO A 248 -18.60 -9.63 -23.01
C PRO A 248 -17.18 -9.68 -22.46
N GLY A 249 -17.07 -10.16 -21.22
CA GLY A 249 -15.79 -10.26 -20.51
C GLY A 249 -14.96 -11.41 -21.01
N LEU A 250 -13.73 -11.49 -20.49
CA LEU A 250 -12.75 -12.49 -20.92
C LEU A 250 -12.24 -13.21 -19.69
N ALA A 251 -12.25 -14.55 -19.73
CA ALA A 251 -11.77 -15.38 -18.63
C ALA A 251 -10.61 -16.24 -19.11
N ILE A 252 -9.40 -15.90 -18.68
CA ILE A 252 -8.18 -16.57 -19.11
C ILE A 252 -7.82 -17.62 -18.06
N PRO A 253 -7.79 -18.91 -18.43
CA PRO A 253 -7.39 -19.94 -17.44
C PRO A 253 -5.91 -19.87 -17.10
N LEU A 254 -5.58 -20.12 -15.83
CA LEU A 254 -4.21 -20.09 -15.32
C LEU A 254 -3.94 -21.38 -14.54
N HIS A 255 -2.77 -21.98 -14.78
CA HIS A 255 -2.47 -23.33 -14.30
C HIS A 255 -1.20 -23.31 -13.41
N GLN A 256 -0.13 -24.00 -13.83
CA GLN A 256 1.10 -24.13 -13.05
CA GLN A 256 1.09 -24.12 -13.04
C GLN A 256 2.22 -23.28 -13.66
N GLY A 257 2.24 -22.01 -13.28
CA GLY A 257 3.29 -21.08 -13.73
C GLY A 257 2.97 -20.29 -14.99
N ASP A 258 1.69 -20.15 -15.33
CA ASP A 258 1.28 -19.27 -16.42
C ASP A 258 1.51 -17.82 -16.02
N CYS A 259 1.98 -17.02 -16.98
CA CYS A 259 2.28 -15.60 -16.76
C CYS A 259 1.52 -14.72 -17.72
N TYR A 260 0.80 -13.74 -17.18
CA TYR A 260 0.15 -12.73 -18.01
C TYR A 260 0.69 -11.34 -17.69
N PHE A 261 0.52 -10.43 -18.65
CA PHE A 261 1.14 -9.11 -18.65
C PHE A 261 0.10 -8.06 -19.03
N MET A 262 -0.09 -7.05 -18.18
CA MET A 262 -0.94 -5.92 -18.52
C MET A 262 -0.02 -4.83 -19.05
N LEU A 263 -0.22 -4.40 -20.31
CA LEU A 263 0.67 -3.44 -20.96
C LEU A 263 0.05 -2.07 -21.17
N ASP A 264 0.91 -1.05 -21.17
CA ASP A 264 0.54 0.34 -21.50
C ASP A 264 -0.71 0.81 -20.72
N ASP A 265 -1.81 1.16 -21.41
CA ASP A 265 -2.96 1.78 -20.77
C ASP A 265 -4.05 0.79 -20.36
N LEU A 266 -3.73 -0.51 -20.41
CA LEU A 266 -4.73 -1.56 -20.24
C LEU A 266 -5.40 -1.47 -18.88
N ASN A 267 -4.56 -1.45 -17.84
CA ASN A 267 -5.01 -1.39 -16.45
C ASN A 267 -5.88 -0.17 -16.14
N ALA A 268 -5.66 0.93 -16.87
CA ALA A 268 -6.48 2.14 -16.72
C ALA A 268 -7.79 2.02 -17.49
N THR A 269 -7.71 1.54 -18.73
CA THR A 269 -8.87 1.40 -19.60
C THR A 269 -9.75 0.19 -19.27
N HIS A 270 -9.19 -0.82 -18.62
CA HIS A 270 -9.90 -2.07 -18.32
C HIS A 270 -9.84 -2.37 -16.84
N GLN A 271 -10.84 -3.10 -16.35
CA GLN A 271 -10.81 -3.64 -14.98
C GLN A 271 -10.49 -5.11 -15.07
N HIS A 272 -10.06 -5.69 -13.94
CA HIS A 272 -9.85 -7.13 -13.86
C HIS A 272 -10.15 -7.71 -12.49
N CYS A 273 -10.54 -8.98 -12.48
CA CYS A 273 -10.78 -9.75 -11.28
C CYS A 273 -10.03 -11.07 -11.33
N VAL A 274 -9.97 -11.76 -10.20
CA VAL A 274 -9.43 -13.10 -10.09
C VAL A 274 -10.60 -14.04 -9.82
N LEU A 275 -10.67 -15.14 -10.55
CA LEU A 275 -11.74 -16.13 -10.39
C LEU A 275 -11.16 -17.34 -9.67
N ALA A 276 -11.78 -17.73 -8.56
CA ALA A 276 -11.28 -18.81 -7.74
C ALA A 276 -11.61 -20.17 -8.34
N GLY A 277 -10.67 -21.10 -8.21
CA GLY A 277 -10.87 -22.50 -8.51
C GLY A 277 -11.15 -23.25 -7.23
N SER A 278 -10.85 -24.54 -7.22
CA SER A 278 -11.05 -25.40 -6.03
C SER A 278 -9.75 -25.71 -5.27
N GLN A 279 -8.58 -25.55 -5.91
CA GLN A 279 -7.29 -25.90 -5.30
C GLN A 279 -6.56 -24.63 -4.80
N PRO A 280 -5.58 -24.79 -3.88
CA PRO A 280 -4.81 -23.61 -3.43
C PRO A 280 -3.96 -23.01 -4.57
N ARG A 281 -3.57 -21.75 -4.43
CA ARG A 281 -2.95 -21.01 -5.54
C ARG A 281 -2.17 -19.76 -5.12
N PHE A 282 -0.90 -19.71 -5.48
CA PHE A 282 -0.03 -18.54 -5.27
C PHE A 282 -0.01 -17.65 -6.52
N SER A 283 0.26 -16.35 -6.31
CA SER A 283 0.55 -15.42 -7.40
C SER A 283 1.60 -14.39 -6.98
N SER A 284 2.43 -13.98 -7.94
CA SER A 284 3.45 -12.95 -7.76
C SER A 284 3.22 -11.86 -8.79
N THR A 285 2.79 -10.68 -8.35
CA THR A 285 2.29 -9.63 -9.26
C THR A 285 3.21 -8.42 -9.23
N HIS A 286 4.03 -8.29 -10.26
CA HIS A 286 5.13 -7.34 -10.28
C HIS A 286 4.65 -6.03 -10.88
N ARG A 287 4.97 -4.93 -10.18
CA ARG A 287 4.45 -3.60 -10.51
C ARG A 287 5.56 -2.57 -10.44
N VAL A 288 5.35 -1.47 -11.16
CA VAL A 288 6.16 -0.28 -11.05
C VAL A 288 5.38 0.68 -10.14
N ALA A 289 5.64 0.55 -8.84
CA ALA A 289 5.02 1.38 -7.81
C ALA A 289 5.48 2.83 -7.92
N GLU A 290 4.52 3.75 -7.99
CA GLU A 290 4.78 5.19 -7.95
C GLU A 290 5.15 5.54 -6.51
N CYS A 291 6.45 5.48 -6.22
CA CYS A 291 6.98 5.68 -4.86
C CYS A 291 7.82 6.97 -4.76
N SER A 292 7.28 8.07 -5.26
CA SER A 292 7.91 9.38 -5.11
C SER A 292 7.83 9.78 -3.63
N THR A 293 6.61 9.81 -3.10
CA THR A 293 6.39 10.14 -1.69
C THR A 293 6.24 8.91 -0.76
N GLY A 294 6.52 7.72 -1.29
CA GLY A 294 6.35 6.46 -0.55
C GLY A 294 7.62 5.70 -0.29
N THR A 295 8.72 6.41 -0.05
CA THR A 295 9.99 5.78 0.35
C THR A 295 10.47 6.34 1.69
N LEU A 296 11.29 5.54 2.37
CA LEU A 296 11.88 5.92 3.65
C LEU A 296 12.81 7.11 3.50
N ASP A 297 13.62 7.11 2.43
CA ASP A 297 14.49 8.25 2.11
C ASP A 297 13.69 9.54 1.97
N TYR A 298 12.51 9.46 1.35
CA TYR A 298 11.67 10.65 1.13
C TYR A 298 11.09 11.21 2.44
N ILE A 299 10.54 10.34 3.28
CA ILE A 299 9.92 10.78 4.53
C ILE A 299 10.96 11.28 5.55
N LEU A 300 12.13 10.65 5.58
CA LEU A 300 13.26 11.14 6.39
C LEU A 300 13.72 12.54 5.97
N GLN A 301 13.76 12.79 4.67
CA GLN A 301 14.13 14.10 4.14
C GLN A 301 13.08 15.16 4.51
N ARG A 302 11.80 14.77 4.47
CA ARG A 302 10.70 15.67 4.87
C ARG A 302 10.80 16.02 6.36
N CYS A 303 11.04 15.00 7.19
CA CYS A 303 11.25 15.20 8.61
C CYS A 303 12.39 16.19 8.87
N GLN A 304 13.52 15.94 8.21
CA GLN A 304 14.68 16.83 8.33
C GLN A 304 14.40 18.27 7.91
N LEU A 305 13.56 18.46 6.89
CA LEU A 305 13.15 19.81 6.45
C LEU A 305 12.28 20.52 7.50
N ALA A 306 11.43 19.77 8.20
CA ALA A 306 10.62 20.31 9.29
C ALA A 306 11.46 20.71 10.50
N LEU A 307 12.54 19.97 10.76
CA LEU A 307 13.40 20.23 11.92
C LEU A 307 14.48 21.30 11.69
N GLN A 308 14.55 21.82 10.48
CA GLN A 308 15.32 23.03 10.21
C GLN A 308 14.75 24.26 10.92
N ASN A 309 13.46 24.23 11.26
CA ASN A 309 12.84 25.33 12.01
C ASN A 309 13.09 25.28 13.53
N VAL A 310 13.81 24.28 14.03
CA VAL A 310 14.07 24.20 15.48
C VAL A 310 15.58 24.23 15.81
N CYS A 311 15.93 24.93 16.88
CA CYS A 311 17.30 24.98 17.38
CA CYS A 311 17.30 24.98 17.39
C CYS A 311 17.70 23.58 17.85
N ASP A 312 18.73 23.01 17.22
CA ASP A 312 19.09 21.60 17.40
C ASP A 312 20.45 21.34 18.04
N ASP A 313 20.88 22.22 18.94
CA ASP A 313 22.09 21.99 19.73
C ASP A 313 22.00 20.70 20.56
N VAL A 314 20.85 20.48 21.20
CA VAL A 314 20.65 19.35 22.11
C VAL A 314 19.22 18.79 22.00
N ASP A 315 19.08 17.47 22.11
CA ASP A 315 17.75 16.81 22.14
C ASP A 315 17.17 16.82 23.55
N ASN A 316 16.29 17.78 23.83
CA ASN A 316 15.58 17.89 25.11
C ASN A 316 14.11 18.28 24.91
N ASP A 317 13.36 18.41 26.00
CA ASP A 317 11.96 18.81 25.94
C ASP A 317 11.74 20.32 25.70
N ASP A 318 12.75 21.14 25.98
CA ASP A 318 12.70 22.59 25.72
C ASP A 318 12.95 22.89 24.23
N VAL A 319 11.89 22.80 23.42
CA VAL A 319 11.98 22.98 21.96
C VAL A 319 11.78 24.44 21.58
N SER A 320 12.84 25.06 21.04
CA SER A 320 12.82 26.47 20.62
CA SER A 320 12.83 26.47 20.63
C SER A 320 12.81 26.57 19.09
N LEU A 321 11.86 27.33 18.55
CA LEU A 321 11.70 27.47 17.10
C LEU A 321 12.42 28.70 16.56
N LYS A 322 12.92 28.59 15.34
CA LYS A 322 13.72 29.65 14.71
C LYS A 322 12.87 30.73 14.06
N SER A 323 11.78 30.31 13.41
CA SER A 323 10.88 31.23 12.72
C SER A 323 9.42 30.99 13.13
N PHE A 324 8.64 32.06 13.13
CA PHE A 324 7.18 31.97 13.23
C PHE A 324 6.49 32.53 11.98
N GLU A 325 7.15 32.39 10.83
CA GLU A 325 6.57 32.78 9.54
C GLU A 325 5.49 31.77 9.16
N PRO A 326 4.33 32.25 8.65
CA PRO A 326 3.19 31.36 8.32
C PRO A 326 3.56 30.12 7.50
N ALA A 327 4.32 30.32 6.41
CA ALA A 327 4.71 29.26 5.49
C ALA A 327 5.54 28.15 6.13
N VAL A 328 6.49 28.55 6.96
CA VAL A 328 7.37 27.59 7.65
C VAL A 328 6.56 26.76 8.65
N LEU A 329 5.67 27.40 9.40
CA LEU A 329 4.80 26.71 10.37
C LEU A 329 3.76 25.81 9.71
N LYS A 330 3.11 26.33 8.67
CA LYS A 330 2.19 25.54 7.82
C LYS A 330 2.85 24.26 7.33
N GLN A 331 4.06 24.40 6.79
CA GLN A 331 4.85 23.28 6.26
C GLN A 331 5.15 22.23 7.33
N GLY A 332 5.59 22.70 8.50
CA GLY A 332 5.96 21.83 9.61
C GLY A 332 4.83 20.92 10.10
N GLU A 333 3.64 21.48 10.26
CA GLU A 333 2.48 20.72 10.71
C GLU A 333 1.95 19.77 9.60
N GLU A 334 2.04 20.19 8.34
CA GLU A 334 1.77 19.27 7.21
C GLU A 334 2.70 18.05 7.22
N ILE A 335 3.99 18.28 7.52
CA ILE A 335 4.97 17.20 7.64
C ILE A 335 4.69 16.32 8.86
N HIS A 336 4.28 16.94 9.97
CA HIS A 336 3.83 16.25 11.18
C HIS A 336 2.74 15.23 10.85
N ASN A 337 1.72 15.69 10.13
CA ASN A 337 0.64 14.81 9.71
C ASN A 337 1.10 13.74 8.75
N GLU A 338 2.04 14.09 7.87
CA GLU A 338 2.53 13.14 6.87
C GLU A 338 3.24 11.95 7.50
N VAL A 339 4.15 12.22 8.44
CA VAL A 339 4.87 11.13 9.15
C VAL A 339 3.95 10.33 10.09
N GLU A 340 3.03 11.03 10.76
CA GLU A 340 2.13 10.37 11.72
C GLU A 340 1.16 9.41 11.04
N PHE A 341 0.41 9.92 10.05
CA PHE A 341 -0.73 9.17 9.48
C PHE A 341 -0.40 8.27 8.30
N GLU A 342 0.49 8.72 7.41
CA GLU A 342 0.92 7.88 6.28
C GLU A 342 1.98 6.85 6.63
N TRP A 343 2.78 7.07 7.67
CA TRP A 343 3.85 6.13 8.06
C TRP A 343 3.62 5.43 9.39
N LEU A 344 3.66 6.18 10.49
CA LEU A 344 3.58 5.58 11.83
C LEU A 344 2.31 4.77 12.06
N ARG A 345 1.14 5.41 11.93
CA ARG A 345 -0.14 4.71 12.19
C ARG A 345 -0.41 3.61 11.18
N GLN A 346 0.00 3.80 9.93
CA GLN A 346 -0.09 2.77 8.91
C GLN A 346 0.74 1.53 9.25
N PHE A 347 1.96 1.74 9.74
CA PHE A 347 2.84 0.63 10.13
C PHE A 347 2.27 -0.15 11.30
N TRP A 348 1.99 0.56 12.40
CA TRP A 348 1.51 -0.08 13.64
C TRP A 348 0.06 -0.55 13.63
N PHE A 349 -0.73 -0.13 12.63
CA PHE A 349 -2.07 -0.69 12.43
C PHE A 349 -1.97 -2.16 12.01
N GLN A 350 -1.10 -2.42 11.06
CA GLN A 350 -0.79 -3.79 10.64
C GLN A 350 0.15 -4.48 11.62
N GLY A 351 1.02 -3.69 12.25
CA GLY A 351 2.05 -4.17 13.17
C GLY A 351 1.55 -5.04 14.31
N ASN A 352 2.40 -5.92 14.87
CA ASN A 352 3.81 -6.09 14.48
C ASN A 352 4.00 -7.33 13.60
N ARG A 353 3.20 -7.40 12.53
CA ARG A 353 3.22 -8.55 11.60
C ARG A 353 4.50 -8.63 10.75
N TYR A 354 5.14 -7.49 10.51
CA TYR A 354 6.39 -7.42 9.74
C TYR A 354 7.60 -8.00 10.49
N ARG A 355 7.64 -7.81 11.80
CA ARG A 355 8.71 -8.35 12.68
C ARG A 355 8.92 -9.87 12.56
N LYS A 356 7.88 -10.61 12.17
CA LYS A 356 7.94 -12.05 11.96
C LYS A 356 8.97 -12.46 10.90
N CYS A 357 8.89 -11.86 9.70
CA CYS A 357 9.73 -12.25 8.56
C CYS A 357 10.89 -11.30 8.20
N THR A 358 10.87 -10.09 8.75
CA THR A 358 12.03 -9.20 8.68
C THR A 358 12.04 -8.21 9.84
N ASP A 359 13.17 -7.54 10.03
CA ASP A 359 13.30 -6.45 10.99
C ASP A 359 14.05 -5.26 10.38
N TRP A 360 13.87 -5.09 9.07
CA TRP A 360 14.48 -3.97 8.33
C TRP A 360 13.84 -2.65 8.76
N TRP A 361 12.52 -2.67 8.95
CA TRP A 361 11.76 -1.47 9.31
C TRP A 361 11.80 -1.08 10.79
N CYS A 362 12.35 -1.97 11.64
CA CYS A 362 12.36 -1.75 13.09
CA CYS A 362 12.38 -1.75 13.10
C CYS A 362 13.12 -0.48 13.49
N GLN A 363 14.35 -0.31 12.98
CA GLN A 363 15.15 0.87 13.30
C GLN A 363 14.58 2.16 12.67
N PRO A 364 14.25 2.14 11.36
CA PRO A 364 13.63 3.31 10.72
C PRO A 364 12.34 3.83 11.35
N MET A 365 11.45 2.92 11.76
CA MET A 365 10.16 3.32 12.34
C MET A 365 10.32 3.91 13.75
N ALA A 366 11.33 3.43 14.48
CA ALA A 366 11.73 4.04 15.74
C ALA A 366 12.31 5.44 15.52
N GLN A 367 13.10 5.61 14.46
CA GLN A 367 13.67 6.92 14.09
C GLN A 367 12.58 7.92 13.68
N LEU A 368 11.56 7.45 12.98
CA LEU A 368 10.44 8.31 12.59
C LEU A 368 9.55 8.66 13.78
N GLU A 369 9.41 7.74 14.73
CA GLU A 369 8.69 8.03 15.99
C GLU A 369 9.41 9.08 16.83
N ALA A 370 10.73 9.02 16.88
CA ALA A 370 11.53 10.04 17.58
C ALA A 370 11.36 11.40 16.91
N LEU A 371 11.45 11.41 15.59
CA LEU A 371 11.23 12.63 14.79
C LEU A 371 9.82 13.16 14.97
N TRP A 372 8.82 12.28 14.96
CA TRP A 372 7.44 12.66 15.22
C TRP A 372 7.25 13.20 16.66
N LYS A 373 7.94 12.59 17.63
CA LYS A 373 7.88 13.04 19.04
C LYS A 373 8.41 14.46 19.20
N LYS A 374 9.49 14.76 18.47
CA LYS A 374 10.05 16.12 18.39
C LYS A 374 9.04 17.11 17.81
N MET A 375 8.32 16.69 16.77
CA MET A 375 7.32 17.54 16.12
C MET A 375 6.10 17.84 17.00
N GLU A 376 5.77 16.95 17.93
CA GLU A 376 4.79 17.25 18.99
C GLU A 376 5.26 18.42 19.86
N GLY A 377 6.56 18.46 20.14
CA GLY A 377 7.19 19.62 20.82
C GLY A 377 7.12 20.92 20.02
N VAL A 378 7.25 20.82 18.70
CA VAL A 378 7.12 21.99 17.80
C VAL A 378 5.70 22.56 17.87
N THR A 379 4.69 21.70 17.75
CA THR A 379 3.28 22.10 17.86
C THR A 379 3.01 22.77 19.21
N ASN A 380 3.53 22.17 20.28
CA ASN A 380 3.48 22.75 21.62
C ASN A 380 4.13 24.14 21.69
N ALA A 381 5.32 24.27 21.08
CA ALA A 381 6.05 25.53 21.02
C ALA A 381 5.35 26.59 20.18
N VAL A 382 4.62 26.17 19.15
CA VAL A 382 3.77 27.06 18.36
C VAL A 382 2.58 27.53 19.20
N LEU A 383 1.99 26.62 19.97
CA LEU A 383 0.85 26.95 20.83
C LEU A 383 1.24 27.86 22.00
N HIS A 384 2.48 27.74 22.49
CA HIS A 384 3.02 28.71 23.46
C HIS A 384 3.14 30.11 22.84
N GLU A 385 3.54 30.19 21.58
CA GLU A 385 3.72 31.48 20.89
C GLU A 385 2.40 32.23 20.66
N VAL A 386 1.40 31.54 20.12
CA VAL A 386 0.06 32.15 19.95
C VAL A 386 -0.64 32.50 21.27
N LYS A 387 -0.27 31.80 22.33
CA LYS A 387 -0.82 32.02 23.68
C LYS A 387 0.24 32.69 24.57
N ARG A 388 0.72 33.86 24.14
CA ARG A 388 1.62 34.68 24.96
C ARG A 388 1.22 36.16 24.93
N GLU A 389 1.62 36.89 25.97
CA GLU A 389 1.15 38.25 26.22
C GLU A 389 1.71 39.34 25.30
N GLY A 390 2.83 39.07 24.62
CA GLY A 390 3.52 40.07 23.79
C GLY A 390 3.26 40.07 22.29
N LEU A 391 2.33 39.24 21.79
CA LEU A 391 2.04 39.17 20.34
C LEU A 391 0.94 40.13 19.92
N PRO A 392 1.11 40.84 18.79
CA PRO A 392 -0.02 41.58 18.21
C PRO A 392 -1.09 40.62 17.65
N VAL A 393 -2.36 40.97 17.79
CA VAL A 393 -3.49 40.13 17.34
C VAL A 393 -3.38 39.73 15.86
N GLU A 394 -2.80 40.60 15.03
CA GLU A 394 -2.62 40.33 13.60
C GLU A 394 -1.58 39.24 13.34
N GLN A 395 -0.44 39.33 14.01
CA GLN A 395 0.59 38.26 13.99
C GLN A 395 0.03 36.92 14.45
N ARG A 396 -0.71 36.94 15.56
CA ARG A 396 -1.33 35.74 16.12
C ARG A 396 -2.28 35.09 15.13
N ASN A 397 -3.10 35.89 14.46
CA ASN A 397 -4.10 35.37 13.52
C ASN A 397 -3.52 34.82 12.21
N GLU A 398 -2.43 35.41 11.73
CA GLU A 398 -1.69 34.84 10.60
C GLU A 398 -1.13 33.45 10.94
N ILE A 399 -0.65 33.31 12.18
CA ILE A 399 -0.14 32.03 12.66
C ILE A 399 -1.28 31.00 12.78
N LEU A 400 -2.42 31.43 13.32
CA LEU A 400 -3.59 30.55 13.47
C LEU A 400 -4.13 30.09 12.12
N THR A 401 -4.27 31.01 11.18
CA THR A 401 -4.72 30.70 9.81
C THR A 401 -3.79 29.66 9.13
N ALA A 402 -2.49 29.77 9.38
CA ALA A 402 -1.50 28.85 8.83
C ALA A 402 -1.62 27.41 9.33
N ILE A 403 -1.91 27.24 10.62
CA ILE A 403 -1.89 25.91 11.27
C ILE A 403 -3.24 25.23 11.49
N LEU A 404 -4.34 25.97 11.33
CA LEU A 404 -5.67 25.50 11.72
C LEU A 404 -6.18 24.31 10.90
N ALA A 405 -5.99 24.37 9.59
CA ALA A 405 -6.36 23.24 8.71
C ALA A 405 -5.55 21.98 9.02
N SER A 406 -4.26 22.16 9.31
CA SER A 406 -3.38 21.05 9.67
C SER A 406 -3.76 20.39 11.00
N LEU A 407 -4.11 21.22 12.00
CA LEU A 407 -4.54 20.70 13.32
C LEU A 407 -5.91 20.03 13.29
N THR A 408 -6.84 20.60 12.53
CA THR A 408 -8.18 20.01 12.42
C THR A 408 -8.11 18.64 11.73
N ALA A 409 -7.30 18.56 10.67
CA ALA A 409 -7.03 17.28 9.98
C ALA A 409 -6.41 16.25 10.92
N ARG A 410 -5.51 16.71 11.78
CA ARG A 410 -4.86 15.86 12.77
C ARG A 410 -5.86 15.26 13.77
N GLN A 411 -6.80 16.07 14.24
CA GLN A 411 -7.90 15.61 15.12
C GLN A 411 -8.74 14.55 14.41
N ASN A 412 -9.23 14.88 13.22
CA ASN A 412 -10.14 14.02 12.47
C ASN A 412 -9.55 12.66 12.10
N LEU A 413 -8.32 12.69 11.58
CA LEU A 413 -7.62 11.47 11.23
C LEU A 413 -7.30 10.61 12.46
N ARG A 414 -6.95 11.26 13.57
CA ARG A 414 -6.75 10.55 14.84
C ARG A 414 -8.02 9.83 15.34
N ARG A 415 -9.18 10.47 15.21
CA ARG A 415 -10.45 9.81 15.52
C ARG A 415 -10.71 8.66 14.55
N GLU A 416 -10.55 8.92 13.25
CA GLU A 416 -10.73 7.89 12.21
C GLU A 416 -9.82 6.67 12.44
N TRP A 417 -8.57 6.92 12.80
CA TRP A 417 -7.63 5.84 13.11
C TRP A 417 -7.97 5.11 14.42
N HIS A 418 -8.36 5.87 15.45
CA HIS A 418 -8.73 5.29 16.75
C HIS A 418 -9.98 4.41 16.63
N ALA A 419 -10.93 4.85 15.81
CA ALA A 419 -12.11 4.05 15.45
C ALA A 419 -11.76 2.79 14.67
N ARG A 420 -10.85 2.92 13.71
CA ARG A 420 -10.44 1.81 12.83
C ARG A 420 -9.64 0.74 13.59
N CYS A 421 -8.89 1.16 14.60
CA CYS A 421 -8.18 0.24 15.48
C CYS A 421 -9.12 -0.56 16.38
N GLN A 422 -10.19 0.08 16.84
CA GLN A 422 -11.20 -0.56 17.70
C GLN A 422 -12.51 -0.73 16.94
N SER A 423 -12.44 -1.49 15.85
CA SER A 423 -13.62 -1.91 15.08
C SER A 423 -13.98 -3.35 15.45
N ARG A 424 -15.08 -3.85 14.87
CA ARG A 424 -15.54 -5.22 15.11
C ARG A 424 -14.49 -6.25 14.72
N ILE A 425 -14.20 -6.32 13.41
CA ILE A 425 -13.29 -7.34 12.87
C ILE A 425 -11.81 -7.16 13.26
N ALA A 426 -11.43 -5.93 13.63
CA ALA A 426 -10.06 -5.63 14.12
C ALA A 426 -9.72 -6.38 15.42
N ARG A 427 -10.71 -6.56 16.30
CA ARG A 427 -10.55 -7.31 17.55
C ARG A 427 -10.80 -8.83 17.40
N THR A 428 -10.63 -9.37 16.18
CA THR A 428 -10.71 -10.80 15.91
C THR A 428 -9.38 -11.44 15.48
N LEU A 429 -8.39 -10.62 15.13
CA LEU A 429 -7.08 -11.10 14.67
C LEU A 429 -6.27 -11.68 15.84
N PRO A 430 -5.29 -12.57 15.55
CA PRO A 430 -4.48 -13.15 16.64
C PRO A 430 -3.55 -12.15 17.32
N ALA A 431 -2.88 -12.60 18.38
CA ALA A 431 -1.89 -11.78 19.10
C ALA A 431 -0.67 -11.43 18.23
N ASP A 432 -0.45 -12.21 17.17
CA ASP A 432 0.56 -11.91 16.15
C ASP A 432 0.29 -10.60 15.38
N GLN A 433 -1.00 -10.31 15.10
CA GLN A 433 -1.40 -9.16 14.27
C GLN A 433 -2.33 -8.15 14.97
N LYS A 434 -2.31 -8.09 16.31
CA LYS A 434 -3.23 -7.22 17.07
C LYS A 434 -3.13 -5.75 16.64
N PRO A 435 -4.21 -5.18 16.05
CA PRO A 435 -4.16 -3.78 15.62
C PRO A 435 -3.84 -2.79 16.75
N GLU A 436 -2.54 -2.49 16.89
CA GLU A 436 -2.06 -1.49 17.85
C GLU A 436 -2.41 -0.10 17.33
N CYS A 437 -2.68 0.82 18.26
CA CYS A 437 -3.08 2.18 17.93
C CYS A 437 -1.94 3.20 18.17
N ARG A 438 -0.69 2.77 17.98
CA ARG A 438 0.47 3.61 18.31
C ARG A 438 0.60 4.71 17.23
N PRO A 439 0.92 5.96 17.59
CA PRO A 439 1.09 6.44 18.98
C PRO A 439 -0.23 6.78 19.69
N TYR A 440 -0.40 6.23 20.90
CA TYR A 440 -1.52 6.56 21.78
C TYR A 440 -0.96 6.72 23.20
N TRP A 441 -1.36 7.81 23.87
CA TRP A 441 -0.96 8.12 25.24
C TRP A 441 -2.16 8.69 26.00
N GLU A 442 -2.12 8.56 27.33
CA GLU A 442 -3.25 8.96 28.18
C GLU A 442 -3.13 10.41 28.62
N LYS A 443 -4.27 10.98 29.04
CA LYS A 443 -4.33 12.37 29.55
C LYS A 443 -3.40 12.62 30.73
N ASP A 444 -3.17 11.58 31.55
CA ASP A 444 -2.21 11.61 32.64
C ASP A 444 -0.76 11.65 32.15
N ASP A 445 -0.45 10.85 31.13
CA ASP A 445 0.90 10.72 30.56
C ASP A 445 1.59 12.09 30.34
N ALA A 446 2.52 12.43 31.23
CA ALA A 446 3.16 13.75 31.24
C ALA A 446 4.45 13.84 30.40
N SER A 447 4.90 12.73 29.80
CA SER A 447 6.06 12.76 28.90
C SER A 447 5.74 13.48 27.58
N MET A 448 4.53 13.26 27.05
CA MET A 448 4.07 13.89 25.82
C MET A 448 3.58 15.31 26.14
N PRO A 449 4.06 16.34 25.40
CA PRO A 449 3.68 17.72 25.74
C PRO A 449 2.19 18.04 25.52
N LEU A 450 1.62 17.53 24.43
CA LEU A 450 0.23 17.80 24.07
C LEU A 450 -0.64 16.55 24.23
N PRO A 451 -1.96 16.76 24.41
CA PRO A 451 -2.89 15.62 24.49
C PRO A 451 -3.22 15.01 23.12
N PHE A 452 -3.58 13.73 23.12
CA PHE A 452 -4.05 13.00 21.93
C PHE A 452 -5.30 13.66 21.33
N ASP A 453 -6.32 13.84 22.17
CA ASP A 453 -7.56 14.50 21.78
C ASP A 453 -7.33 16.01 21.70
N LEU A 454 -7.56 16.57 20.51
CA LEU A 454 -7.24 17.99 20.23
C LEU A 454 -8.47 18.90 20.18
N THR A 455 -9.64 18.38 20.54
CA THR A 455 -10.92 19.09 20.35
C THR A 455 -10.95 20.44 21.06
N ASP A 456 -10.46 20.47 22.30
CA ASP A 456 -10.38 21.71 23.08
C ASP A 456 -9.39 22.67 22.46
N ILE A 457 -8.17 22.18 22.20
CA ILE A 457 -7.11 22.96 21.56
C ILE A 457 -7.61 23.56 20.24
N VAL A 458 -8.29 22.76 19.42
CA VAL A 458 -8.78 23.21 18.11
C VAL A 458 -9.84 24.29 18.22
N SER A 459 -10.91 24.02 18.96
CA SER A 459 -12.01 25.00 19.11
C SER A 459 -11.57 26.26 19.86
N GLU A 460 -10.58 26.15 20.75
CA GLU A 460 -9.92 27.31 21.35
C GLU A 460 -9.34 28.22 20.28
N LEU A 461 -8.56 27.64 19.35
CA LEU A 461 -7.92 28.40 18.27
C LEU A 461 -8.93 28.99 17.27
N ARG A 462 -10.01 28.25 16.98
CA ARG A 462 -11.12 28.77 16.15
C ARG A 462 -11.79 29.98 16.78
N GLY A 463 -11.94 29.97 18.11
CA GLY A 463 -12.53 31.09 18.84
C GLY A 463 -11.75 32.39 18.67
N GLN A 464 -10.42 32.30 18.83
CA GLN A 464 -9.53 33.45 18.66
C GLN A 464 -9.57 34.05 17.24
N LEU A 465 -9.78 33.19 16.24
CA LEU A 465 -9.86 33.62 14.84
C LEU A 465 -11.17 34.37 14.53
N LEU A 466 -12.24 34.06 15.26
CA LEU A 466 -13.53 34.74 15.11
C LEU A 466 -13.72 36.01 15.97
N GLU A 467 -12.79 36.27 16.90
CA GLU A 467 -12.85 37.48 17.77
C GLU A 467 -13.01 38.77 16.96
N ALA A 468 -13.86 39.68 17.46
CA ALA A 468 -14.21 40.92 16.73
C ALA A 468 -13.12 41.98 16.77
#